data_1E29
#
_entry.id   1E29
#
_cell.length_a   34.220
_cell.length_b   86.860
_cell.length_c   97.660
_cell.angle_alpha   90.00
_cell.angle_beta   90.00
_cell.angle_gamma   90.00
#
_symmetry.space_group_name_H-M   'C 2 2 21'
#
loop_
_entity.id
_entity.type
_entity.pdbx_description
1 polymer 'CYTOCHROME C549'
2 non-polymer 'HEME C'
3 non-polymer 'CALCIUM ION'
4 water water
#
_entity_poly.entity_id   1
_entity_poly.type   'polypeptide(L)'
_entity_poly.pdbx_seq_one_letter_code
;VELTESTRTIPLDEAGGTTTLTARQFTNGQKIFVDTCTQCHLQGKTKTNNNVSLGLADLAGAEPRRDNVLALVEFLKNPK
SYDGEDDYSELHPNISRPDIYPEMRNYTEDDIFDVAGYTLIAPKLDERWGGTIYF
;
_entity_poly.pdbx_strand_id   A
#
loop_
_chem_comp.id
_chem_comp.type
_chem_comp.name
_chem_comp.formula
CA non-polymer 'CALCIUM ION' 'Ca 2'
HEC non-polymer 'HEME C' 'C34 H34 Fe N4 O4'
#
# COMPACT_ATOMS: atom_id res chain seq x y z
N VAL A 1 17.54 13.33 -1.13
CA VAL A 1 17.79 12.48 -2.29
C VAL A 1 16.77 12.81 -3.35
N GLU A 2 17.23 13.13 -4.58
CA GLU A 2 16.28 13.53 -5.61
C GLU A 2 15.70 12.29 -6.26
N LEU A 3 14.39 12.33 -6.40
CA LEU A 3 13.62 11.30 -7.03
C LEU A 3 13.05 11.77 -8.34
N THR A 4 13.46 10.99 -9.34
CA THR A 4 13.02 11.50 -10.62
C THR A 4 11.56 11.06 -10.92
N GLU A 5 11.06 11.63 -12.01
CA GLU A 5 9.74 11.25 -12.46
C GLU A 5 9.63 9.78 -12.82
N SER A 6 10.60 9.15 -13.47
CA SER A 6 10.50 7.73 -13.77
C SER A 6 10.31 6.89 -12.50
N THR A 7 11.09 7.17 -11.47
CA THR A 7 10.97 6.47 -10.20
C THR A 7 9.60 6.66 -9.58
N ARG A 8 9.04 7.87 -9.71
CA ARG A 8 7.71 8.14 -9.20
C ARG A 8 6.57 7.69 -10.10
N THR A 9 6.84 6.93 -11.12
CA THR A 9 5.88 6.39 -12.07
C THR A 9 5.66 4.90 -11.82
N ILE A 10 4.41 4.52 -11.57
CA ILE A 10 4.07 3.16 -11.20
C ILE A 10 2.78 2.74 -11.88
N PRO A 11 2.46 1.46 -11.91
CA PRO A 11 1.22 1.02 -12.56
C PRO A 11 -0.02 1.61 -11.91
N LEU A 12 -0.93 2.12 -12.71
CA LEU A 12 -2.20 2.64 -12.25
C LEU A 12 -3.25 1.55 -12.14
N ASP A 13 -3.39 0.72 -13.19
CA ASP A 13 -4.29 -0.43 -13.08
C ASP A 13 -3.57 -1.63 -13.69
N GLU A 14 -4.28 -2.65 -14.12
CA GLU A 14 -3.61 -3.83 -14.66
C GLU A 14 -3.19 -3.71 -16.10
N ALA A 15 -3.78 -2.84 -16.92
CA ALA A 15 -3.54 -2.99 -18.37
C ALA A 15 -2.38 -2.25 -18.99
N GLY A 16 -1.57 -1.52 -18.22
CA GLY A 16 -0.35 -0.98 -18.81
C GLY A 16 -0.26 0.51 -18.55
N GLY A 17 -1.43 1.08 -18.18
CA GLY A 17 -1.37 2.49 -17.81
C GLY A 17 -0.61 2.76 -16.55
N THR A 18 0.10 3.86 -16.49
CA THR A 18 0.87 4.23 -15.33
C THR A 18 0.41 5.57 -14.79
N THR A 19 0.81 5.89 -13.58
CA THR A 19 0.58 7.18 -12.96
C THR A 19 1.90 7.67 -12.36
N THR A 20 2.11 8.95 -12.41
CA THR A 20 3.28 9.58 -11.82
C THR A 20 2.85 10.47 -10.67
N LEU A 21 3.36 10.19 -9.47
CA LEU A 21 3.10 11.00 -8.30
C LEU A 21 3.99 12.23 -8.34
N THR A 22 3.50 13.38 -7.87
CA THR A 22 4.39 14.49 -7.63
C THR A 22 5.23 14.19 -6.37
N ALA A 23 6.29 14.99 -6.20
CA ALA A 23 7.09 14.95 -5.00
C ALA A 23 6.19 15.14 -3.77
N ARG A 24 5.26 16.06 -3.86
CA ARG A 24 4.35 16.35 -2.75
C ARG A 24 3.52 15.14 -2.39
N GLN A 25 2.98 14.36 -3.31
CA GLN A 25 2.16 13.22 -3.16
C GLN A 25 3.04 12.13 -2.55
N PHE A 26 4.25 11.98 -3.04
CA PHE A 26 5.17 11.00 -2.46
C PHE A 26 5.37 11.30 -0.98
N THR A 27 5.66 12.53 -0.68
CA THR A 27 5.95 12.95 0.68
C THR A 27 4.79 12.65 1.61
N ASN A 28 3.60 13.03 1.14
CA ASN A 28 2.40 12.75 1.90
C ASN A 28 2.17 11.25 2.11
N GLY A 29 2.35 10.43 1.06
CA GLY A 29 2.20 8.99 1.22
C GLY A 29 3.20 8.40 2.18
N GLN A 30 4.45 8.83 2.12
CA GLN A 30 5.51 8.36 3.02
C GLN A 30 5.17 8.70 4.47
N LYS A 31 4.72 9.93 4.68
CA LYS A 31 4.32 10.41 6.03
C LYS A 31 3.19 9.57 6.60
N ILE A 32 2.16 9.31 5.81
CA ILE A 32 1.04 8.48 6.25
C ILE A 32 1.52 7.08 6.57
N PHE A 33 2.38 6.56 5.70
CA PHE A 33 2.89 5.21 5.91
C PHE A 33 3.57 5.13 7.31
N VAL A 34 4.46 6.09 7.57
CA VAL A 34 5.19 6.09 8.85
C VAL A 34 4.21 6.22 10.00
N ASP A 35 3.20 7.07 9.90
CA ASP A 35 2.32 7.26 11.02
C ASP A 35 1.39 6.10 11.28
N THR A 36 0.91 5.47 10.22
CA THR A 36 -0.24 4.58 10.35
C THR A 36 0.05 3.16 9.94
N CYS A 37 1.03 2.87 9.08
CA CYS A 37 1.27 1.56 8.50
C CYS A 37 2.46 0.85 9.14
N THR A 38 3.43 1.59 9.63
CA THR A 38 4.66 0.97 10.14
C THR A 38 4.46 0.17 11.42
N GLN A 39 3.35 0.33 12.14
CA GLN A 39 3.11 -0.52 13.30
C GLN A 39 3.00 -1.99 12.93
N CYS A 40 2.60 -2.31 11.72
CA CYS A 40 2.54 -3.70 11.26
C CYS A 40 3.39 -3.98 10.02
N HIS A 41 3.77 -2.95 9.29
CA HIS A 41 4.49 -3.14 8.03
C HIS A 41 5.78 -2.31 7.99
N LEU A 42 6.55 -2.23 9.08
CA LEU A 42 7.86 -1.64 9.04
C LEU A 42 8.66 -2.33 7.89
N GLN A 43 9.27 -1.45 7.08
CA GLN A 43 10.07 -1.89 5.95
C GLN A 43 9.28 -2.70 4.94
N GLY A 44 7.95 -2.47 4.93
CA GLY A 44 7.13 -3.15 3.98
C GLY A 44 6.89 -4.60 4.26
N LYS A 45 7.26 -5.08 5.48
CA LYS A 45 7.15 -6.50 5.78
C LYS A 45 5.80 -6.87 6.36
N THR A 46 5.52 -8.15 6.40
CA THR A 46 4.42 -8.69 7.15
C THR A 46 4.97 -9.88 7.92
N LYS A 47 4.49 -10.01 9.14
CA LYS A 47 5.04 -11.03 10.04
C LYS A 47 4.03 -12.04 10.51
N THR A 48 2.74 -11.84 10.25
CA THR A 48 1.74 -12.77 10.75
C THR A 48 1.10 -13.55 9.60
N ASN A 49 1.62 -13.47 8.39
CA ASN A 49 1.20 -14.36 7.30
C ASN A 49 2.42 -14.47 6.39
N ASN A 50 2.50 -15.53 5.62
CA ASN A 50 3.60 -15.79 4.70
C ASN A 50 3.20 -15.30 3.30
N ASN A 51 4.15 -14.61 2.71
CA ASN A 51 4.06 -14.04 1.37
C ASN A 51 2.88 -13.10 1.19
N VAL A 52 2.57 -12.32 2.23
CA VAL A 52 1.53 -11.31 2.12
C VAL A 52 2.10 -10.00 2.62
N SER A 53 3.31 -9.72 2.16
CA SER A 53 3.99 -8.48 2.44
C SER A 53 3.60 -7.40 1.45
N LEU A 54 4.25 -6.23 1.63
CA LEU A 54 4.05 -5.14 0.66
C LEU A 54 5.10 -5.14 -0.46
N GLY A 55 5.90 -6.20 -0.54
CA GLY A 55 6.82 -6.33 -1.68
C GLY A 55 6.03 -6.58 -2.94
N LEU A 56 6.57 -6.24 -4.09
CA LEU A 56 5.81 -6.37 -5.34
C LEU A 56 5.34 -7.78 -5.69
N ALA A 57 6.18 -8.77 -5.50
CA ALA A 57 5.85 -10.15 -5.89
C ALA A 57 4.65 -10.60 -5.05
N ASP A 58 4.64 -10.23 -3.78
CA ASP A 58 3.55 -10.62 -2.89
C ASP A 58 2.26 -9.92 -3.31
N LEU A 59 2.38 -8.59 -3.55
CA LEU A 59 1.20 -7.84 -3.98
C LEU A 59 0.60 -8.41 -5.29
N ALA A 60 1.47 -8.80 -6.22
CA ALA A 60 1.12 -9.28 -7.55
C ALA A 60 0.34 -10.56 -7.45
N GLY A 61 0.54 -11.31 -6.38
CA GLY A 61 -0.13 -12.59 -6.20
C GLY A 61 -1.45 -12.54 -5.46
N ALA A 62 -1.83 -11.35 -4.99
CA ALA A 62 -3.13 -11.18 -4.37
C ALA A 62 -4.23 -11.28 -5.43
N GLU A 63 -5.45 -11.46 -4.97
CA GLU A 63 -6.62 -11.54 -5.83
C GLU A 63 -7.64 -10.45 -5.53
N PRO A 64 -7.89 -9.50 -6.44
CA PRO A 64 -7.10 -9.25 -7.64
C PRO A 64 -5.72 -8.71 -7.27
N ARG A 65 -4.81 -8.63 -8.26
CA ARG A 65 -3.43 -8.29 -7.92
C ARG A 65 -3.36 -6.86 -7.39
N ARG A 66 -2.47 -6.62 -6.44
CA ARG A 66 -2.40 -5.38 -5.67
C ARG A 66 -1.17 -4.53 -6.00
N ASP A 67 -0.51 -4.85 -7.08
CA ASP A 67 0.70 -4.15 -7.52
C ASP A 67 0.40 -3.01 -8.49
N ASN A 68 -0.73 -2.37 -8.29
CA ASN A 68 -1.12 -1.19 -9.05
C ASN A 68 -1.90 -0.29 -8.11
N VAL A 69 -1.89 1.02 -8.39
CA VAL A 69 -2.43 2.00 -7.44
C VAL A 69 -3.92 1.79 -7.18
N LEU A 70 -4.69 1.58 -8.24
CA LEU A 70 -6.14 1.46 -7.96
C LEU A 70 -6.53 0.27 -7.14
N ALA A 71 -5.84 -0.85 -7.27
CA ALA A 71 -6.11 -2.02 -6.46
C ALA A 71 -5.77 -1.77 -4.99
N LEU A 72 -4.70 -0.99 -4.74
CA LEU A 72 -4.31 -0.65 -3.37
C LEU A 72 -5.30 0.29 -2.76
N VAL A 73 -5.76 1.27 -3.54
CA VAL A 73 -6.80 2.18 -3.05
C VAL A 73 -8.02 1.36 -2.66
N GLU A 74 -8.41 0.41 -3.54
CA GLU A 74 -9.57 -0.40 -3.23
C GLU A 74 -9.37 -1.22 -1.96
N PHE A 75 -8.16 -1.77 -1.78
CA PHE A 75 -7.86 -2.57 -0.60
C PHE A 75 -8.02 -1.72 0.67
N LEU A 76 -7.56 -0.46 0.63
CA LEU A 76 -7.57 0.41 1.79
C LEU A 76 -8.92 1.01 2.08
N LYS A 77 -9.86 0.86 1.16
CA LYS A 77 -11.28 1.08 1.39
C LYS A 77 -11.95 -0.17 1.95
N ASN A 78 -11.74 -1.32 1.29
CA ASN A 78 -12.49 -2.56 1.54
C ASN A 78 -11.51 -3.71 1.59
N PRO A 79 -10.73 -3.84 2.66
CA PRO A 79 -9.69 -4.87 2.68
C PRO A 79 -10.27 -6.29 2.69
N LYS A 80 -9.50 -7.20 2.12
CA LYS A 80 -9.89 -8.58 1.99
C LYS A 80 -8.71 -9.50 2.34
N SER A 81 -9.01 -10.77 2.60
CA SER A 81 -7.90 -11.75 2.69
C SER A 81 -7.20 -11.81 1.33
N TYR A 82 -6.07 -12.50 1.33
CA TYR A 82 -5.20 -12.45 0.15
C TYR A 82 -5.81 -13.08 -1.07
N ASP A 83 -6.60 -14.14 -0.89
CA ASP A 83 -7.34 -14.80 -1.96
C ASP A 83 -8.62 -14.05 -2.32
N GLY A 84 -8.94 -12.94 -1.67
CA GLY A 84 -10.06 -12.07 -1.90
C GLY A 84 -11.41 -12.56 -1.42
N GLU A 85 -11.48 -13.66 -0.66
CA GLU A 85 -12.74 -14.30 -0.30
C GLU A 85 -13.47 -13.72 0.91
N ASP A 86 -12.77 -13.29 1.91
CA ASP A 86 -12.99 -12.91 3.27
C ASP A 86 -12.92 -11.37 3.34
N ASP A 87 -13.91 -10.84 4.01
CA ASP A 87 -14.02 -9.40 4.30
C ASP A 87 -13.22 -9.03 5.55
N TYR A 88 -12.22 -8.17 5.35
CA TYR A 88 -11.36 -7.72 6.43
C TYR A 88 -11.68 -6.31 6.86
N SER A 89 -12.87 -5.80 6.59
CA SER A 89 -13.16 -4.42 6.92
C SER A 89 -13.26 -4.14 8.42
N GLU A 90 -13.38 -5.20 9.26
CA GLU A 90 -13.31 -5.06 10.71
C GLU A 90 -12.02 -5.69 11.28
N LEU A 91 -11.07 -6.02 10.42
CA LEU A 91 -9.84 -6.66 10.79
C LEU A 91 -8.60 -5.84 10.41
N HIS A 92 -8.59 -5.29 9.21
CA HIS A 92 -7.49 -4.51 8.70
C HIS A 92 -7.88 -3.04 8.66
N PRO A 93 -7.01 -2.12 9.08
CA PRO A 93 -7.36 -0.69 8.99
C PRO A 93 -7.78 -0.26 7.60
N ASN A 94 -8.81 0.65 7.57
CA ASN A 94 -9.36 1.08 6.28
C ASN A 94 -10.15 2.36 6.49
N ILE A 95 -10.43 3.05 5.39
CA ILE A 95 -11.19 4.30 5.47
C ILE A 95 -12.68 4.11 5.38
N SER A 96 -13.20 2.90 5.21
CA SER A 96 -14.66 2.67 5.26
C SER A 96 -15.18 2.66 6.68
N ARG A 97 -14.34 2.36 7.67
CA ARG A 97 -14.77 2.10 9.05
C ARG A 97 -14.01 2.99 10.02
N PRO A 98 -14.25 4.30 9.93
CA PRO A 98 -13.56 5.24 10.81
C PRO A 98 -13.96 5.09 12.28
N ASP A 99 -15.12 4.46 12.51
CA ASP A 99 -15.59 4.18 13.83
C ASP A 99 -14.63 3.22 14.56
N ILE A 100 -14.13 2.23 13.81
CA ILE A 100 -13.18 1.32 14.50
C ILE A 100 -11.75 1.72 14.14
N TYR A 101 -11.40 2.53 13.12
CA TYR A 101 -10.02 2.93 12.79
C TYR A 101 -9.95 4.45 12.81
N PRO A 102 -10.08 5.10 13.96
CA PRO A 102 -10.12 6.56 14.01
C PRO A 102 -8.88 7.21 13.42
N GLU A 103 -7.75 6.51 13.49
CA GLU A 103 -6.50 6.95 12.94
C GLU A 103 -6.55 7.10 11.42
N MET A 104 -7.54 6.50 10.77
CA MET A 104 -7.80 6.58 9.36
C MET A 104 -8.85 7.65 9.08
N ARG A 105 -9.49 8.28 10.04
CA ARG A 105 -10.74 8.99 9.70
C ARG A 105 -10.49 10.31 9.00
N ASN A 106 -9.27 10.80 9.10
CA ASN A 106 -9.01 12.05 8.43
C ASN A 106 -8.32 11.87 7.09
N TYR A 107 -8.13 10.66 6.62
CA TYR A 107 -7.53 10.49 5.30
C TYR A 107 -8.62 10.44 4.25
N THR A 108 -8.40 11.29 3.25
CA THR A 108 -9.31 11.24 2.13
C THR A 108 -8.91 10.20 1.07
N GLU A 109 -9.76 9.99 0.08
CA GLU A 109 -9.41 9.12 -1.01
C GLU A 109 -8.09 9.54 -1.66
N ASP A 110 -7.86 10.85 -1.76
CA ASP A 110 -6.62 11.32 -2.34
C ASP A 110 -5.39 11.00 -1.48
N ASP A 111 -5.43 11.04 -0.18
CA ASP A 111 -4.45 10.61 0.77
C ASP A 111 -4.19 9.11 0.54
N ILE A 112 -5.23 8.33 0.34
CA ILE A 112 -5.05 6.91 0.13
C ILE A 112 -4.39 6.63 -1.21
N PHE A 113 -4.72 7.39 -2.24
CA PHE A 113 -3.97 7.34 -3.51
C PHE A 113 -2.49 7.58 -3.21
N ASP A 114 -2.15 8.61 -2.43
CA ASP A 114 -0.75 8.91 -2.17
C ASP A 114 -0.06 7.77 -1.42
N VAL A 115 -0.70 7.15 -0.40
CA VAL A 115 0.01 6.05 0.29
C VAL A 115 0.10 4.86 -0.63
N ALA A 116 -0.90 4.60 -1.50
CA ALA A 116 -0.80 3.53 -2.45
C ALA A 116 0.36 3.75 -3.42
N GLY A 117 0.49 4.95 -3.94
CA GLY A 117 1.64 5.25 -4.80
C GLY A 117 2.96 5.09 -4.06
N TYR A 118 3.07 5.59 -2.87
CA TYR A 118 4.26 5.43 -2.04
C TYR A 118 4.60 3.95 -1.94
N THR A 119 3.61 3.10 -1.62
CA THR A 119 3.85 1.69 -1.38
C THR A 119 4.50 1.02 -2.59
N LEU A 120 4.11 1.44 -3.83
CA LEU A 120 4.66 0.87 -5.05
C LEU A 120 5.96 1.53 -5.47
N ILE A 121 6.26 2.74 -5.00
CA ILE A 121 7.58 3.35 -5.29
C ILE A 121 8.65 2.85 -4.34
N ALA A 122 8.30 2.66 -3.07
CA ALA A 122 9.23 2.22 -2.04
C ALA A 122 10.13 1.07 -2.46
N PRO A 123 9.66 -0.03 -3.07
CA PRO A 123 10.60 -1.11 -3.45
C PRO A 123 11.68 -0.68 -4.43
N LYS A 124 11.42 0.33 -5.24
CA LYS A 124 12.44 0.87 -6.13
C LYS A 124 13.59 1.52 -5.38
N LEU A 125 13.26 2.00 -4.20
CA LEU A 125 14.12 2.80 -3.36
C LEU A 125 14.99 2.01 -2.38
N ASP A 126 14.60 0.80 -2.00
CA ASP A 126 15.16 0.01 -0.92
C ASP A 126 15.02 -1.47 -1.21
N GLU A 127 16.17 -2.13 -1.47
CA GLU A 127 16.25 -3.57 -1.68
C GLU A 127 15.69 -4.37 -0.54
N ARG A 128 15.65 -3.77 0.65
CA ARG A 128 15.21 -4.47 1.84
C ARG A 128 13.72 -4.30 2.02
N TRP A 129 13.05 -3.51 1.17
CA TRP A 129 11.59 -3.35 1.30
C TRP A 129 10.89 -4.68 1.06
N GLY A 130 9.89 -4.97 1.89
CA GLY A 130 9.12 -6.16 1.69
C GLY A 130 9.76 -7.38 2.27
N GLY A 131 9.02 -8.46 2.20
CA GLY A 131 9.45 -9.72 2.77
C GLY A 131 8.61 -10.19 3.92
N THR A 132 8.77 -11.48 4.20
CA THR A 132 8.10 -12.12 5.32
C THR A 132 9.11 -12.26 6.46
N ILE A 133 8.64 -11.92 7.67
CA ILE A 133 9.46 -12.14 8.84
C ILE A 133 9.22 -13.50 9.48
N TYR A 134 10.36 -14.20 9.66
CA TYR A 134 10.33 -15.56 10.23
C TYR A 134 11.07 -15.66 11.53
N PHE A 135 10.51 -16.42 12.47
CA PHE A 135 11.25 -16.70 13.69
C PHE A 135 11.21 -18.21 13.99
FE HEC B . -1.73 -3.94 6.32
CHA HEC B . -1.87 -6.84 4.64
CHB HEC B . -1.41 -2.27 3.42
CHC HEC B . -1.70 -0.96 7.98
CHD HEC B . -1.77 -5.60 9.25
NA HEC B . -1.75 -4.45 4.41
C1A HEC B . -1.79 -5.71 3.87
C2A HEC B . -1.76 -5.65 2.43
C3A HEC B . -1.67 -4.34 2.08
C4A HEC B . -1.60 -3.60 3.31
CMA HEC B . -1.63 -3.72 0.69
CAA HEC B . -1.81 -6.84 1.49
CBA HEC B . -0.44 -7.34 1.09
CGA HEC B . -0.36 -8.34 -0.06
O1A HEC B . -1.43 -8.68 -0.60
O2A HEC B . 0.78 -8.84 -0.35
NB HEC B . -1.59 -2.02 5.79
C1B HEC B . -1.36 -1.50 4.53
C2B HEC B . -1.17 -0.07 4.56
C3B HEC B . -1.38 0.29 5.87
C4B HEC B . -1.60 -0.90 6.62
CMB HEC B . -0.79 0.79 3.37
CAB HEC B . -1.32 1.71 6.41
CBB HEC B . -2.46 2.57 5.90
NC HEC B . -1.79 -3.38 8.23
C1C HEC B . -1.75 -2.11 8.77
C2C HEC B . -1.77 -2.15 10.22
C3C HEC B . -1.78 -3.45 10.59
C4C HEC B . -1.79 -4.21 9.34
CMC HEC B . -1.68 -0.87 11.07
CAC HEC B . -1.61 -4.10 11.95
CBC HEC B . -2.53 -3.49 12.97
ND HEC B . -1.82 -5.85 6.86
C1D HEC B . -1.75 -6.38 8.13
C2D HEC B . -1.81 -7.80 8.09
C3D HEC B . -1.89 -8.17 6.79
C4D HEC B . -1.86 -6.92 6.02
CMD HEC B . -1.77 -8.71 9.32
CAD HEC B . -2.05 -9.53 6.16
CBD HEC B . -3.46 -9.92 5.78
CGD HEC B . -3.54 -11.36 5.32
O1D HEC B . -4.05 -11.58 4.20
O2D HEC B . -3.15 -12.25 6.11
CA CA C . -0.81 -18.39 4.82
CA CA D . 1.12 6.81 14.61
CA CA E . -1.98 9.49 13.54
#